data_4OKC
#
_entry.id   4OKC
#
_cell.length_a   22.960
_cell.length_b   42.360
_cell.length_c   56.990
_cell.angle_alpha   84.24
_cell.angle_beta   85.91
_cell.angle_gamma   84.81
#
_symmetry.space_group_name_H-M   'P 1'
#
loop_
_entity.id
_entity.type
_entity.pdbx_description
1 polymer 'LysM domain protein'
2 water water
#
_entity_poly.entity_id   1
_entity_poly.type   'polypeptide(L)'
_entity_poly.pdbx_seq_one_letter_code
;MGDTLTAGQKLERGGSLQSGNGAYTLTLQDDGNLVLYARDKAVWSTGTNGQDVVRAEVQTDGNFVLYTAEKPVWHTDTKG
KKEVKLVLQDDRNLVLYAKDGPAWSLEHHHHHH
;
_entity_poly.pdbx_strand_id   A,B
#
# COMPACT_ATOMS: atom_id res chain seq x y z
N MET A 1 13.87 1.66 -19.19
CA MET A 1 13.12 2.99 -19.20
C MET A 1 13.82 4.25 -19.73
N GLY A 2 15.12 4.17 -20.02
CA GLY A 2 15.87 5.29 -20.63
C GLY A 2 16.65 6.03 -19.54
N ASP A 3 16.91 7.32 -19.70
CA ASP A 3 17.64 8.00 -18.60
C ASP A 3 16.78 9.04 -17.88
N THR A 4 15.47 9.04 -18.15
CA THR A 4 14.64 10.07 -17.58
C THR A 4 13.29 9.52 -17.01
N LEU A 5 12.90 10.05 -15.86
CA LEU A 5 11.57 9.80 -15.25
C LEU A 5 10.90 11.12 -15.01
N THR A 6 9.77 11.32 -15.67
CA THR A 6 9.04 12.57 -15.53
C THR A 6 7.89 12.47 -14.54
N ALA A 7 7.27 13.61 -14.21
CA ALA A 7 6.24 13.70 -13.12
C ALA A 7 5.15 12.67 -13.31
N GLY A 8 4.84 11.93 -12.25
CA GLY A 8 3.91 10.81 -12.33
C GLY A 8 4.43 9.55 -13.05
N GLN A 9 5.69 9.49 -13.44
CA GLN A 9 6.19 8.20 -13.90
C GLN A 9 6.88 7.52 -12.74
N LYS A 10 7.01 6.20 -12.81
CA LYS A 10 7.62 5.46 -11.72
C LYS A 10 8.40 4.23 -12.16
N LEU A 11 9.36 3.85 -11.33
CA LEU A 11 10.08 2.60 -11.50
C LEU A 11 9.47 1.54 -10.55
N GLU A 12 9.35 0.33 -11.07
CA GLU A 12 8.85 -0.75 -10.28
C GLU A 12 9.94 -1.83 -10.22
N ARG A 13 9.71 -2.80 -9.33
CA ARG A 13 10.64 -3.93 -9.18
C ARG A 13 11.10 -4.47 -10.51
N GLY A 14 12.43 -4.56 -10.66
CA GLY A 14 13.02 -4.97 -11.90
C GLY A 14 13.31 -3.90 -12.93
N GLY A 15 12.51 -2.85 -12.98
CA GLY A 15 12.69 -1.78 -13.99
C GLY A 15 13.85 -0.84 -13.62
N SER A 16 14.31 -0.02 -14.57
CA SER A 16 15.39 0.89 -14.27
C SER A 16 15.57 1.99 -15.27
N LEU A 17 16.50 2.88 -14.93
CA LEU A 17 17.03 3.91 -15.80
C LEU A 17 18.43 3.50 -16.14
N GLN A 18 18.94 4.05 -17.24
CA GLN A 18 20.25 3.77 -17.71
C GLN A 18 20.76 5.05 -18.34
N SER A 19 22.06 5.40 -18.11
CA SER A 19 22.62 6.60 -18.73
C SER A 19 22.80 6.37 -20.24
N GLY A 20 22.83 7.46 -20.98
CA GLY A 20 22.97 7.40 -22.41
C GLY A 20 24.15 6.56 -22.85
N ASN A 21 25.27 6.72 -22.16
CA ASN A 21 26.48 6.00 -22.54
C ASN A 21 26.44 4.56 -22.01
N GLY A 22 25.28 4.17 -21.47
CA GLY A 22 25.05 2.79 -21.05
C GLY A 22 25.99 2.30 -19.96
N ALA A 23 26.71 3.22 -19.35
CA ALA A 23 27.66 2.90 -18.32
C ALA A 23 26.98 2.76 -16.95
N TYR A 24 25.98 3.59 -16.69
CA TYR A 24 25.33 3.56 -15.39
C TYR A 24 23.87 3.10 -15.48
N THR A 25 23.45 2.36 -14.49
CA THR A 25 22.11 1.86 -14.43
C THR A 25 21.58 2.09 -13.01
N LEU A 26 20.37 2.63 -12.91
CA LEU A 26 19.72 2.85 -11.65
C LEU A 26 18.47 1.97 -11.67
N THR A 27 18.38 1.04 -10.73
CA THR A 27 17.29 0.10 -10.80
C THR A 27 16.69 -0.21 -9.42
N LEU A 28 15.36 -0.31 -9.39
CA LEU A 28 14.65 -0.60 -8.16
C LEU A 28 14.59 -2.10 -8.09
N GLN A 29 15.23 -2.64 -7.05
CA GLN A 29 15.42 -4.10 -6.93
C GLN A 29 14.35 -4.76 -6.07
N ASP A 30 14.19 -6.07 -6.32
CA ASP A 30 13.24 -6.93 -5.64
C ASP A 30 13.52 -7.14 -4.14
N ASP A 31 14.78 -7.02 -3.73
CA ASP A 31 15.10 -6.83 -2.32
C ASP A 31 14.68 -5.42 -1.83
N GLY A 32 14.04 -4.65 -2.69
CA GLY A 32 13.44 -3.37 -2.26
C GLY A 32 14.38 -2.19 -2.33
N ASN A 33 15.65 -2.43 -2.72
CA ASN A 33 16.67 -1.37 -2.69
C ASN A 33 16.85 -0.66 -4.03
N LEU A 34 16.84 0.68 -4.03
CA LEU A 34 17.07 1.40 -5.28
C LEU A 34 18.55 1.66 -5.41
N VAL A 35 19.19 1.04 -6.42
CA VAL A 35 20.66 1.04 -6.48
C VAL A 35 21.16 1.54 -7.82
N LEU A 36 22.17 2.41 -7.76
CA LEU A 36 22.86 2.88 -8.93
C LEU A 36 24.16 2.10 -9.11
N TYR A 37 24.32 1.55 -10.30
CA TYR A 37 25.50 0.79 -10.67
C TYR A 37 26.44 1.50 -11.69
N ALA A 38 27.73 1.56 -11.37
CA ALA A 38 28.82 1.88 -12.32
C ALA A 38 29.30 0.53 -12.83
N ARG A 39 29.03 0.24 -14.10
CA ARG A 39 29.06 -1.13 -14.61
C ARG A 39 28.31 -2.00 -13.59
N ASP A 40 28.90 -3.13 -13.18
CA ASP A 40 28.23 -3.99 -12.20
C ASP A 40 28.61 -3.67 -10.75
N LYS A 41 29.17 -2.49 -10.48
CA LYS A 41 29.51 -2.11 -9.12
C LYS A 41 28.54 -1.07 -8.55
N ALA A 42 27.97 -1.37 -7.38
CA ALA A 42 27.09 -0.43 -6.68
C ALA A 42 27.88 0.70 -6.05
N VAL A 43 27.48 1.92 -6.33
CA VAL A 43 28.23 3.09 -5.87
C VAL A 43 27.36 3.92 -4.93
N TRP A 44 26.04 3.65 -4.98
CA TRP A 44 25.07 4.39 -4.17
C TRP A 44 23.75 3.67 -4.19
N SER A 45 23.00 3.79 -3.09
CA SER A 45 21.66 3.21 -2.96
C SER A 45 20.83 3.93 -1.90
N THR A 46 19.53 3.63 -1.93
CA THR A 46 18.60 4.19 -0.99
C THR A 46 18.66 3.49 0.37
N GLY A 47 19.66 2.63 0.56
CA GLY A 47 19.68 1.70 1.71
C GLY A 47 18.35 1.05 2.13
N THR A 48 17.44 0.86 1.15
CA THR A 48 16.12 0.27 1.48
C THR A 48 16.06 -1.25 1.25
N ASN A 49 17.22 -1.89 1.15
CA ASN A 49 17.34 -3.32 0.98
C ASN A 49 16.72 -3.97 2.18
N GLY A 50 15.94 -5.03 1.91
CA GLY A 50 15.25 -5.78 2.96
C GLY A 50 13.89 -5.19 3.26
N GLN A 51 13.49 -4.15 2.52
CA GLN A 51 12.15 -3.62 2.67
C GLN A 51 11.31 -4.00 1.44
N ASP A 52 10.01 -3.99 1.59
CA ASP A 52 9.19 -4.30 0.42
C ASP A 52 8.84 -2.96 -0.14
N VAL A 53 9.61 -2.53 -1.17
CA VAL A 53 9.37 -1.26 -1.84
C VAL A 53 8.73 -1.74 -3.12
N VAL A 54 7.69 -1.02 -3.56
CA VAL A 54 6.87 -1.37 -4.72
C VAL A 54 7.14 -0.42 -5.89
N ARG A 55 7.48 0.82 -5.56
CA ARG A 55 7.68 1.84 -6.56
C ARG A 55 8.55 3.01 -6.08
N ALA A 56 9.29 3.56 -7.02
CA ALA A 56 10.09 4.72 -6.85
C ALA A 56 9.51 5.65 -7.89
N GLU A 57 8.80 6.67 -7.41
CA GLU A 57 8.02 7.48 -8.31
C GLU A 57 8.31 8.96 -8.23
N VAL A 58 8.48 9.56 -9.43
CA VAL A 58 8.64 10.99 -9.51
C VAL A 58 7.20 11.43 -9.47
N GLN A 59 6.84 12.04 -8.34
CA GLN A 59 5.46 12.50 -8.05
C GLN A 59 5.10 13.76 -8.80
N THR A 60 3.82 14.09 -8.86
CA THR A 60 3.38 15.24 -9.64
C THR A 60 3.41 16.56 -8.81
N ASP A 61 3.78 16.45 -7.54
CA ASP A 61 4.04 17.60 -6.70
C ASP A 61 5.55 17.81 -6.72
N GLY A 62 6.22 17.17 -7.68
CA GLY A 62 7.66 17.35 -7.87
C GLY A 62 8.54 16.54 -6.93
N ASN A 63 7.95 15.68 -6.08
CA ASN A 63 8.72 14.86 -5.13
C ASN A 63 8.95 13.43 -5.69
N PHE A 64 10.17 12.93 -5.57
CA PHE A 64 10.49 11.55 -5.96
C PHE A 64 10.47 10.70 -4.70
N VAL A 65 9.77 9.58 -4.73
CA VAL A 65 9.45 8.85 -3.48
C VAL A 65 9.43 7.36 -3.73
N LEU A 66 9.82 6.60 -2.70
CA LEU A 66 9.70 5.16 -2.66
C LEU A 66 8.60 4.76 -1.69
N TYR A 67 7.73 3.89 -2.16
CA TYR A 67 6.66 3.42 -1.30
C TYR A 67 6.84 1.95 -1.03
N THR A 68 6.65 1.58 0.25
CA THR A 68 6.53 0.18 0.62
C THR A 68 5.10 -0.33 0.39
N ALA A 69 4.95 -1.62 0.10
CA ALA A 69 3.65 -2.27 -0.08
C ALA A 69 2.73 -2.05 1.13
N GLU A 70 1.43 -2.06 0.87
CA GLU A 70 0.42 -1.97 1.89
C GLU A 70 0.61 -3.10 2.90
N LYS A 71 0.71 -2.75 4.18
CA LYS A 71 0.92 -3.73 5.27
C LYS A 71 -0.36 -3.95 6.07
N PRO A 72 -0.51 -5.17 6.66
CA PRO A 72 -1.65 -5.58 7.45
C PRO A 72 -1.53 -5.15 8.90
N VAL A 73 -2.47 -4.33 9.38
CA VAL A 73 -2.51 -3.89 10.78
C VAL A 73 -3.41 -4.75 11.69
N TRP A 74 -4.23 -5.59 11.09
CA TRP A 74 -5.21 -6.36 11.83
C TRP A 74 -5.74 -7.47 10.96
N HIS A 75 -5.88 -8.66 11.53
CA HIS A 75 -6.35 -9.75 10.77
C HIS A 75 -7.05 -10.75 11.68
N THR A 76 -7.77 -11.63 11.05
CA THR A 76 -8.56 -12.60 11.74
C THR A 76 -7.73 -13.87 11.96
N ASP A 77 -6.50 -13.86 11.43
CA ASP A 77 -5.59 -15.02 11.44
C ASP A 77 -6.15 -16.36 10.99
N THR A 78 -7.01 -16.32 9.99
CA THR A 78 -7.59 -17.55 9.54
C THR A 78 -6.97 -18.08 8.24
N LYS A 79 -5.81 -17.55 7.81
CA LYS A 79 -5.20 -18.05 6.55
C LYS A 79 -5.10 -19.58 6.57
N GLY A 80 -5.62 -20.25 5.55
CA GLY A 80 -5.59 -21.70 5.51
C GLY A 80 -7.02 -22.19 5.40
N LYS A 81 -7.98 -21.31 5.76
CA LYS A 81 -9.42 -21.62 5.65
C LYS A 81 -9.85 -21.53 4.20
N LYS A 82 -10.80 -22.39 3.82
CA LYS A 82 -11.25 -22.46 2.44
C LYS A 82 -12.71 -22.01 2.31
N GLU A 83 -13.00 -21.20 1.32
CA GLU A 83 -14.37 -20.79 1.08
C GLU A 83 -14.97 -19.94 2.25
N VAL A 84 -14.15 -19.02 2.76
CA VAL A 84 -14.52 -18.16 3.86
C VAL A 84 -15.53 -17.12 3.45
N LYS A 85 -16.32 -16.67 4.41
CA LYS A 85 -17.22 -15.54 4.25
C LYS A 85 -17.33 -14.96 5.66
N LEU A 86 -17.59 -13.67 5.74
CA LEU A 86 -17.72 -12.99 7.01
C LEU A 86 -19.13 -12.51 6.98
N VAL A 87 -19.83 -12.75 8.10
CA VAL A 87 -21.25 -12.45 8.17
C VAL A 87 -21.57 -11.73 9.46
N LEU A 88 -22.16 -10.55 9.32
CA LEU A 88 -22.63 -9.81 10.45
C LEU A 88 -24.05 -10.34 10.72
N GLN A 89 -24.30 -10.86 11.92
CA GLN A 89 -25.52 -11.59 12.16
C GLN A 89 -26.49 -10.73 12.90
N ASP A 90 -27.77 -11.14 12.81
CA ASP A 90 -28.86 -10.46 13.49
C ASP A 90 -28.77 -10.53 14.97
N ASP A 91 -28.00 -11.51 15.48
CA ASP A 91 -27.72 -11.67 16.93
C ASP A 91 -26.57 -10.76 17.39
N ARG A 92 -26.09 -9.95 16.43
CA ARG A 92 -24.98 -8.98 16.62
C ARG A 92 -23.56 -9.58 16.60
N ASN A 93 -23.46 -10.87 16.28
CA ASN A 93 -22.17 -11.47 16.18
C ASN A 93 -21.67 -11.38 14.72
N LEU A 94 -20.35 -11.18 14.59
CA LEU A 94 -19.73 -11.12 13.32
C LEU A 94 -18.94 -12.41 13.22
N VAL A 95 -19.22 -13.16 12.17
CA VAL A 95 -18.68 -14.52 12.09
C VAL A 95 -18.03 -14.77 10.74
N LEU A 96 -16.82 -15.35 10.78
CA LEU A 96 -16.12 -15.80 9.61
C LEU A 96 -16.38 -17.29 9.46
N TYR A 97 -17.20 -17.66 8.48
CA TYR A 97 -17.47 -19.03 8.17
C TYR A 97 -16.48 -19.58 7.18
N ALA A 98 -16.37 -20.90 7.15
CA ALA A 98 -15.44 -21.60 6.31
C ALA A 98 -16.10 -22.91 5.89
N LYS A 99 -15.58 -23.52 4.83
CA LYS A 99 -16.12 -24.77 4.34
C LYS A 99 -16.28 -25.74 5.51
N ASP A 100 -15.31 -25.72 6.43
CA ASP A 100 -15.29 -26.66 7.57
C ASP A 100 -15.95 -26.15 8.86
N GLY A 101 -16.69 -25.03 8.77
CA GLY A 101 -17.49 -24.54 9.87
C GLY A 101 -17.11 -23.12 10.23
N PRO A 102 -17.67 -22.58 11.33
CA PRO A 102 -17.35 -21.21 11.77
C PRO A 102 -15.84 -21.14 12.12
N ALA A 103 -15.13 -20.22 11.45
CA ALA A 103 -13.70 -20.08 11.62
C ALA A 103 -13.38 -19.02 12.65
N TRP A 104 -14.26 -18.02 12.79
CA TRP A 104 -13.94 -16.90 13.65
C TRP A 104 -15.19 -16.13 14.01
N SER A 105 -15.21 -15.54 15.20
CA SER A 105 -16.23 -14.57 15.58
C SER A 105 -15.71 -13.61 16.66
N LEU A 106 -16.44 -12.51 16.88
CA LEU A 106 -16.30 -11.63 18.01
C LEU A 106 -16.44 -12.38 19.33
N GLU A 107 -17.35 -13.36 19.31
CA GLU A 107 -17.62 -14.35 20.40
C GLU A 107 -19.12 -14.48 20.89
N MET B 1 -23.74 -2.64 1.27
CA MET B 1 -22.92 -3.80 0.80
C MET B 1 -23.39 -5.20 1.22
N GLY B 2 -24.57 -5.26 1.83
CA GLY B 2 -25.23 -6.50 2.21
C GLY B 2 -24.79 -6.94 3.59
N ASP B 3 -25.06 -8.20 3.96
CA ASP B 3 -24.66 -8.70 5.29
C ASP B 3 -23.47 -9.67 5.24
N THR B 4 -22.95 -9.92 4.04
CA THR B 4 -21.91 -10.91 3.82
C THR B 4 -20.78 -10.40 2.89
N LEU B 5 -19.57 -10.85 3.19
CA LEU B 5 -18.39 -10.64 2.40
C LEU B 5 -17.74 -11.99 2.18
N THR B 6 -17.59 -12.37 0.92
CA THR B 6 -17.06 -13.68 0.54
C THR B 6 -15.58 -13.61 0.09
N ALA B 7 -15.07 -14.70 -0.52
CA ALA B 7 -13.64 -14.75 -0.93
C ALA B 7 -13.26 -13.71 -1.97
N GLY B 8 -12.28 -12.87 -1.65
CA GLY B 8 -11.86 -11.77 -2.55
C GLY B 8 -12.73 -10.51 -2.52
N GLN B 9 -13.50 -10.32 -1.47
CA GLN B 9 -14.21 -9.04 -1.33
C GLN B 9 -13.67 -8.25 -0.19
N LYS B 10 -14.03 -6.97 -0.17
CA LYS B 10 -13.63 -6.10 0.90
C LYS B 10 -14.47 -4.85 0.99
N LEU B 11 -14.42 -4.27 2.18
CA LEU B 11 -15.02 -3.01 2.43
C LEU B 11 -14.00 -1.93 2.06
N GLU B 12 -14.42 -0.99 1.23
CA GLU B 12 -13.59 0.13 0.96
C GLU B 12 -13.84 1.10 2.10
N ARG B 13 -13.09 2.19 2.16
CA ARG B 13 -13.31 3.20 3.13
C ARG B 13 -14.69 3.78 2.94
N GLY B 14 -15.42 3.85 4.06
CA GLY B 14 -16.79 4.34 4.04
C GLY B 14 -17.74 3.26 3.59
N GLY B 15 -17.22 2.05 3.31
CA GLY B 15 -18.07 0.94 2.92
C GLY B 15 -18.57 0.23 4.18
N SER B 16 -19.67 -0.51 4.09
CA SER B 16 -20.09 -1.35 5.24
C SER B 16 -20.96 -2.53 4.93
N LEU B 17 -21.29 -3.24 6.00
CA LEU B 17 -22.19 -4.40 6.05
C LEU B 17 -23.23 -4.07 7.09
N GLN B 18 -24.45 -4.55 6.84
CA GLN B 18 -25.59 -4.29 7.68
C GLN B 18 -26.25 -5.60 7.97
N SER B 19 -26.89 -5.67 9.14
CA SER B 19 -27.64 -6.86 9.59
C SER B 19 -28.96 -7.00 8.85
N GLY B 20 -29.44 -8.24 8.76
CA GLY B 20 -30.72 -8.53 8.12
C GLY B 20 -31.83 -7.64 8.65
N ASN B 21 -32.07 -7.74 9.95
CA ASN B 21 -33.09 -6.93 10.65
C ASN B 21 -32.67 -5.46 10.62
N GLY B 22 -31.46 -5.20 10.13
CA GLY B 22 -30.94 -3.83 9.95
C GLY B 22 -30.46 -3.16 11.23
N ALA B 23 -30.57 -3.86 12.35
CA ALA B 23 -30.16 -3.36 13.66
C ALA B 23 -28.67 -3.01 13.78
N TYR B 24 -27.79 -3.77 13.09
CA TYR B 24 -26.36 -3.67 13.29
C TYR B 24 -25.60 -3.39 12.01
N THR B 25 -24.56 -2.59 12.14
CA THR B 25 -23.80 -2.14 10.98
C THR B 25 -22.30 -2.34 11.28
N LEU B 26 -21.53 -2.60 10.26
CA LEU B 26 -20.11 -2.70 10.38
C LEU B 26 -19.57 -1.89 9.23
N THR B 27 -18.93 -0.76 9.55
CA THR B 27 -18.35 0.14 8.57
C THR B 27 -16.85 0.27 8.77
N LEU B 28 -16.13 0.34 7.66
CA LEU B 28 -14.72 0.77 7.68
C LEU B 28 -14.76 2.27 7.52
N GLN B 29 -14.25 2.97 8.54
CA GLN B 29 -14.34 4.44 8.61
C GLN B 29 -13.15 5.18 7.97
N ASP B 30 -13.35 6.47 7.72
CA ASP B 30 -12.32 7.35 7.23
C ASP B 30 -11.18 7.60 8.22
N ASP B 31 -11.43 7.42 9.52
CA ASP B 31 -10.36 7.48 10.51
C ASP B 31 -9.59 6.16 10.49
N GLY B 32 -9.98 5.25 9.57
CA GLY B 32 -9.27 3.99 9.40
C GLY B 32 -9.76 2.90 10.36
N ASN B 33 -10.78 3.22 11.15
CA ASN B 33 -11.28 2.24 12.12
C ASN B 33 -12.37 1.37 11.51
N LEU B 34 -12.36 0.09 11.90
CA LEU B 34 -13.44 -0.82 11.53
C LEU B 34 -14.30 -0.98 12.74
N VAL B 35 -15.47 -0.33 12.74
CA VAL B 35 -16.32 -0.37 13.91
C VAL B 35 -17.62 -1.12 13.59
N LEU B 36 -18.21 -1.72 14.63
CA LEU B 36 -19.51 -2.36 14.63
C LEU B 36 -20.54 -1.55 15.44
N TYR B 37 -21.55 -1.06 14.74
CA TYR B 37 -22.57 -0.28 15.42
C TYR B 37 -23.85 -1.06 15.66
N ALA B 38 -24.45 -0.83 16.84
CA ALA B 38 -25.80 -1.24 17.20
C ALA B 38 -26.57 0.06 17.40
N ARG B 39 -27.33 0.44 16.38
CA ARG B 39 -27.98 1.75 16.37
C ARG B 39 -26.95 2.87 16.69
N ASP B 40 -27.18 3.63 17.76
CA ASP B 40 -26.28 4.69 18.26
C ASP B 40 -25.04 4.30 19.12
N LYS B 41 -24.87 3.03 19.47
CA LYS B 41 -23.74 2.66 20.35
C LYS B 41 -22.70 1.86 19.59
N ALA B 42 -21.43 2.25 19.71
CA ALA B 42 -20.35 1.43 19.18
C ALA B 42 -20.08 0.26 20.15
N VAL B 43 -20.12 -0.98 19.65
CA VAL B 43 -19.99 -2.19 20.48
C VAL B 43 -18.63 -2.87 20.30
N TRP B 44 -17.97 -2.62 19.18
CA TRP B 44 -16.69 -3.29 18.89
C TRP B 44 -15.93 -2.48 17.84
N SER B 45 -14.59 -2.57 17.89
CA SER B 45 -13.65 -1.79 17.05
C SER B 45 -12.43 -2.65 16.76
N THR B 46 -11.67 -2.26 15.74
CA THR B 46 -10.46 -2.96 15.35
C THR B 46 -9.30 -2.23 15.98
N GLY B 47 -9.60 -1.09 16.60
CA GLY B 47 -8.57 -0.24 17.22
C GLY B 47 -7.70 0.56 16.25
N THR B 48 -8.02 0.46 14.95
CA THR B 48 -7.27 1.15 13.91
C THR B 48 -7.65 2.62 13.71
N ASN B 49 -8.40 3.16 14.65
CA ASN B 49 -8.66 4.60 14.71
C ASN B 49 -7.34 5.31 14.60
N GLY B 50 -7.25 6.20 13.60
CA GLY B 50 -6.04 7.00 13.33
C GLY B 50 -5.00 6.38 12.41
N GLN B 51 -5.37 5.36 11.65
CA GLN B 51 -4.45 4.70 10.74
C GLN B 51 -4.93 4.77 9.27
N ASP B 52 -3.97 4.88 8.36
CA ASP B 52 -4.27 4.94 6.93
C ASP B 52 -4.72 3.53 6.58
N VAL B 53 -6.03 3.25 6.69
CA VAL B 53 -6.52 1.88 6.48
C VAL B 53 -7.37 1.98 5.27
N VAL B 54 -6.97 1.28 4.22
CA VAL B 54 -7.56 1.47 2.91
C VAL B 54 -8.66 0.44 2.57
N ARG B 55 -8.56 -0.76 3.14
CA ARG B 55 -9.52 -1.79 2.87
C ARG B 55 -9.47 -2.88 3.94
N ALA B 56 -10.59 -3.58 4.08
CA ALA B 56 -10.73 -4.72 4.98
C ALA B 56 -11.18 -5.85 4.06
N GLU B 57 -10.31 -6.82 3.83
CA GLU B 57 -10.57 -7.85 2.82
C GLU B 57 -10.71 -9.24 3.33
N VAL B 58 -11.68 -9.98 2.72
CA VAL B 58 -11.85 -11.38 2.95
C VAL B 58 -11.11 -12.04 1.82
N GLN B 59 -9.87 -12.47 2.12
CA GLN B 59 -8.88 -12.91 1.12
C GLN B 59 -9.16 -14.31 0.62
N THR B 60 -8.49 -14.70 -0.46
CA THR B 60 -8.54 -16.09 -0.97
C THR B 60 -7.94 -17.14 -0.02
N ASP B 61 -6.97 -16.73 0.80
CA ASP B 61 -6.37 -17.63 1.78
C ASP B 61 -7.27 -17.87 3.03
N GLY B 62 -8.52 -17.42 2.97
CA GLY B 62 -9.43 -17.42 4.14
C GLY B 62 -9.11 -16.44 5.26
N ASN B 63 -8.11 -15.57 5.09
CA ASN B 63 -7.77 -14.60 6.11
C ASN B 63 -8.47 -13.25 5.82
N PHE B 64 -9.06 -12.65 6.85
CA PHE B 64 -9.77 -11.36 6.75
C PHE B 64 -8.85 -10.30 7.32
N VAL B 65 -8.43 -9.37 6.48
CA VAL B 65 -7.26 -8.53 6.78
C VAL B 65 -7.60 -7.11 6.52
N LEU B 66 -7.16 -6.23 7.44
CA LEU B 66 -7.16 -4.77 7.20
C LEU B 66 -5.76 -4.28 6.76
N TYR B 67 -5.71 -3.47 5.69
CA TYR B 67 -4.43 -2.97 5.13
C TYR B 67 -4.35 -1.47 5.26
N THR B 68 -3.15 -0.97 5.53
CA THR B 68 -2.91 0.47 5.52
C THR B 68 -2.23 0.84 4.20
N ALA B 69 -2.44 2.09 3.76
CA ALA B 69 -1.87 2.63 2.54
C ALA B 69 -0.31 2.56 2.48
N GLU B 70 0.23 2.51 1.28
CA GLU B 70 1.65 2.43 1.03
C GLU B 70 2.39 3.56 1.67
N LYS B 71 3.42 3.19 2.45
CA LYS B 71 4.18 4.11 3.26
C LYS B 71 5.43 4.65 2.49
N PRO B 72 5.75 5.94 2.65
CA PRO B 72 6.99 6.53 2.15
C PRO B 72 8.21 6.12 2.97
N VAL B 73 9.29 5.72 2.30
CA VAL B 73 10.50 5.40 3.02
C VAL B 73 11.67 6.28 2.61
N TRP B 74 11.55 6.87 1.43
CA TRP B 74 12.62 7.67 0.93
C TRP B 74 12.10 8.68 -0.05
N HIS B 75 12.67 9.86 0.03
CA HIS B 75 12.34 10.86 -0.94
C HIS B 75 13.43 11.91 -1.11
N THR B 76 13.31 12.61 -2.24
CA THR B 76 14.14 13.75 -2.55
C THR B 76 13.74 15.01 -1.75
N ASP B 77 12.69 14.93 -0.91
CA ASP B 77 12.23 16.10 -0.13
C ASP B 77 12.07 17.37 -0.98
N THR B 78 11.44 17.25 -2.12
CA THR B 78 11.27 18.34 -3.04
C THR B 78 9.79 18.24 -3.30
N LYS B 79 8.96 18.75 -2.42
CA LYS B 79 7.53 18.66 -2.67
C LYS B 79 7.27 20.09 -3.00
N GLY B 80 6.61 20.37 -4.11
CA GLY B 80 6.44 21.78 -4.49
C GLY B 80 7.15 22.17 -5.77
N LYS B 81 8.20 21.46 -6.15
CA LYS B 81 8.96 21.83 -7.37
C LYS B 81 8.06 21.48 -8.54
N LYS B 82 8.17 22.22 -9.63
CA LYS B 82 7.22 22.01 -10.74
C LYS B 82 7.87 21.53 -12.03
N GLU B 83 7.14 20.76 -12.79
CA GLU B 83 7.69 20.20 -13.99
C GLU B 83 9.02 19.42 -13.75
N VAL B 84 9.07 18.61 -12.69
CA VAL B 84 10.21 17.76 -12.37
C VAL B 84 10.49 16.57 -13.33
N LYS B 85 11.78 16.24 -13.44
CA LYS B 85 12.27 15.03 -14.11
C LYS B 85 13.60 14.60 -13.50
N LEU B 86 13.72 13.30 -13.29
CA LEU B 86 14.87 12.67 -12.68
C LEU B 86 15.65 12.19 -13.83
N VAL B 87 16.95 12.45 -13.81
CA VAL B 87 17.82 12.08 -14.92
C VAL B 87 19.06 11.32 -14.44
N LEU B 88 19.32 10.17 -15.07
CA LEU B 88 20.59 9.49 -14.84
C LEU B 88 21.62 9.93 -15.90
N GLN B 89 22.58 10.78 -15.49
CA GLN B 89 23.47 11.49 -16.43
C GLN B 89 24.71 10.72 -16.71
N ASP B 90 25.33 11.03 -17.86
CA ASP B 90 26.57 10.36 -18.30
C ASP B 90 27.76 10.54 -17.39
N ASP B 91 27.70 11.55 -16.52
CA ASP B 91 28.81 11.83 -15.61
C ASP B 91 28.64 11.02 -14.33
N ARG B 92 27.52 10.27 -14.30
CA ARG B 92 27.15 9.38 -13.19
C ARG B 92 26.54 10.10 -12.03
N ASN B 93 26.07 11.33 -12.24
CA ASN B 93 25.29 11.99 -11.22
C ASN B 93 23.81 11.70 -11.52
N LEU B 94 22.97 11.76 -10.49
CA LEU B 94 21.53 11.59 -10.68
C LEU B 94 20.84 12.84 -10.15
N VAL B 95 20.19 13.54 -11.05
CA VAL B 95 19.62 14.84 -10.71
C VAL B 95 18.14 14.92 -11.00
N LEU B 96 17.46 15.65 -10.12
CA LEU B 96 16.06 15.92 -10.26
C LEU B 96 15.99 17.34 -10.74
N TYR B 97 15.56 17.53 -11.99
CA TYR B 97 15.44 18.89 -12.52
C TYR B 97 14.02 19.38 -12.31
N ALA B 98 13.91 20.62 -11.88
CA ALA B 98 12.65 21.24 -11.69
C ALA B 98 12.61 22.40 -12.65
N LYS B 99 11.45 23.04 -12.77
CA LYS B 99 11.25 24.15 -13.66
C LYS B 99 12.33 25.20 -13.37
N ASP B 100 12.60 25.39 -12.08
CA ASP B 100 13.51 26.42 -11.55
C ASP B 100 15.01 26.08 -11.64
N GLY B 101 15.34 24.86 -12.10
CA GLY B 101 16.71 24.38 -12.14
C GLY B 101 16.81 23.09 -11.32
N PRO B 102 18.04 22.55 -11.18
CA PRO B 102 18.30 21.34 -10.43
C PRO B 102 17.73 21.47 -9.04
N ALA B 103 16.94 20.49 -8.63
CA ALA B 103 16.32 20.56 -7.31
C ALA B 103 17.08 19.69 -6.31
N TRP B 104 17.61 18.57 -6.80
CA TRP B 104 18.14 17.55 -5.95
C TRP B 104 19.14 16.79 -6.81
N SER B 105 20.17 16.26 -6.17
CA SER B 105 21.14 15.39 -6.82
C SER B 105 21.84 14.57 -5.78
N LEU B 106 22.45 13.49 -6.26
CA LEU B 106 23.32 12.61 -5.53
C LEU B 106 24.55 13.30 -5.01
#